data_6XWD
#
_entry.id   6XWD
#
_cell.length_a   82.000
_cell.length_b   111.600
_cell.length_c   62.400
_cell.angle_alpha   90.000
_cell.angle_beta   90.000
_cell.angle_gamma   90.000
#
_symmetry.space_group_name_H-M   'C 2 2 21'
#
loop_
_entity.id
_entity.type
_entity.pdbx_description
1 polymer '14-3-3 protein sigma'
2 polymer 'Amino peptidase N 38-46'
3 non-polymer 'SODIUM ION'
4 non-polymer 'CALCIUM ION'
5 non-polymer 'MAGNESIUM ION'
6 water water
#
loop_
_entity_poly.entity_id
_entity_poly.type
_entity_poly.pdbx_seq_one_letter_code
_entity_poly.pdbx_strand_id
1 'polypeptide(L)'
;GAMGSMERASLIQKAKLAEQAERYEDMAAFMKGAVEKGEELSCEERNLLSVAYKNVVGGQRAAWRVLSSIEQKSNEEGSE
EKGPEVREYREKVETELQGVCDTVLGLLDSHLIKEAGDAESRVFYLKMKGDYYRYLAEVATGDDKKRIIDSARSAYQEAM
DISKKEMPPTNPIRLGLALNFSVFHYEIANSPEEAISLAKTTFDEAMADLHTLSEDSYKDSTLIMQLLRDNLTLWT
;
A
2 'polypeptide(L)' NKNAN(SEP)SPV P
#
# COMPACT_ATOMS: atom_id res chain seq x y z
N GLY A 1 11.53 19.01 -12.16
CA GLY A 1 12.00 17.79 -11.54
C GLY A 1 13.25 17.26 -12.20
N ALA A 2 14.05 16.51 -11.44
CA ALA A 2 15.34 16.02 -11.93
C ALA A 2 15.19 15.04 -13.10
N MET A 3 14.01 14.44 -13.28
CA MET A 3 13.79 13.53 -14.39
C MET A 3 13.14 14.23 -15.59
N GLY A 4 12.99 15.56 -15.51
CA GLY A 4 12.28 16.29 -16.54
C GLY A 4 12.89 16.19 -17.92
N SER A 5 14.20 15.98 -18.00
CA SER A 5 14.89 15.92 -19.28
CA SER A 5 14.89 15.92 -19.28
C SER A 5 14.95 14.52 -19.89
N MET A 6 14.49 13.50 -19.18
CA MET A 6 14.60 12.13 -19.69
C MET A 6 13.30 11.71 -20.35
N GLU A 7 13.43 11.00 -21.47
CA GLU A 7 12.26 10.47 -22.18
C GLU A 7 11.42 9.58 -21.27
N ARG A 8 10.09 9.66 -21.46
CA ARG A 8 9.21 8.77 -20.72
C ARG A 8 9.61 7.32 -20.88
N ALA A 9 9.87 6.89 -22.12
CA ALA A 9 10.18 5.48 -22.35
C ALA A 9 11.50 5.09 -21.68
N SER A 10 12.47 6.01 -21.65
CA SER A 10 13.74 5.72 -20.99
C SER A 10 13.57 5.61 -19.48
N LEU A 11 12.69 6.43 -18.91
CA LEU A 11 12.40 6.33 -17.48
C LEU A 11 11.77 4.98 -17.15
N ILE A 12 10.84 4.51 -17.99
CA ILE A 12 10.24 3.22 -17.74
CA ILE A 12 10.23 3.21 -17.75
C ILE A 12 11.28 2.11 -17.91
N GLN A 13 12.12 2.21 -18.94
CA GLN A 13 13.19 1.22 -19.14
CA GLN A 13 13.17 1.22 -19.14
C GLN A 13 14.10 1.18 -17.92
N LYS A 14 14.49 2.34 -17.42
CA LYS A 14 15.38 2.36 -16.27
C LYS A 14 14.67 1.93 -14.99
N ALA A 15 13.37 2.18 -14.85
CA ALA A 15 12.65 1.65 -13.69
C ALA A 15 12.74 0.12 -13.66
N LYS A 16 12.64 -0.51 -14.84
CA LYS A 16 12.73 -1.96 -14.88
C LYS A 16 14.13 -2.45 -14.57
N LEU A 17 15.16 -1.71 -15.01
CA LEU A 17 16.54 -2.07 -14.65
C LEU A 17 16.77 -1.91 -13.15
N ALA A 18 16.26 -0.81 -12.58
CA ALA A 18 16.41 -0.59 -11.14
C ALA A 18 15.75 -1.70 -10.34
N GLU A 19 14.59 -2.19 -10.81
CA GLU A 19 13.94 -3.29 -10.12
C GLU A 19 14.83 -4.53 -10.12
N GLN A 20 15.42 -4.85 -11.29
CA GLN A 20 16.29 -6.01 -11.39
C GLN A 20 17.49 -5.87 -10.47
N ALA A 21 17.98 -4.64 -10.31
CA ALA A 21 19.12 -4.35 -9.44
C ALA A 21 18.72 -4.13 -7.99
N GLU A 22 17.43 -4.26 -7.66
CA GLU A 22 16.93 -4.02 -6.31
CA GLU A 22 16.91 -4.01 -6.31
C GLU A 22 17.31 -2.62 -5.81
N ARG A 23 17.24 -1.65 -6.72
CA ARG A 23 17.53 -0.25 -6.42
C ARG A 23 16.19 0.49 -6.39
N TYR A 24 15.44 0.30 -5.31
CA TYR A 24 14.04 0.71 -5.31
C TYR A 24 13.89 2.22 -5.18
N GLU A 25 14.82 2.90 -4.50
CA GLU A 25 14.75 4.36 -4.47
CA GLU A 25 14.76 4.36 -4.47
C GLU A 25 14.90 4.94 -5.87
N ASP A 26 15.86 4.42 -6.64
CA ASP A 26 16.01 4.83 -8.03
C ASP A 26 14.74 4.52 -8.80
N MET A 27 14.23 3.30 -8.62
CA MET A 27 13.02 2.87 -9.34
C MET A 27 11.88 3.85 -9.10
N ALA A 28 11.69 4.26 -7.84
CA ALA A 28 10.61 5.18 -7.51
C ALA A 28 10.85 6.55 -8.15
N ALA A 29 12.10 7.01 -8.16
CA ALA A 29 12.37 8.30 -8.77
C ALA A 29 12.12 8.24 -10.27
N PHE A 30 12.49 7.13 -10.92
CA PHE A 30 12.21 6.99 -12.34
C PHE A 30 10.71 6.98 -12.59
N MET A 31 9.94 6.25 -11.78
CA MET A 31 8.51 6.17 -12.02
C MET A 31 7.80 7.49 -11.71
N LYS A 32 8.26 8.21 -10.67
CA LYS A 32 7.75 9.56 -10.44
C LYS A 32 7.99 10.43 -11.67
N GLY A 33 9.19 10.35 -12.26
CA GLY A 33 9.43 11.12 -13.46
C GLY A 33 8.49 10.75 -14.58
N ALA A 34 8.20 9.45 -14.71
CA ALA A 34 7.26 9.01 -15.74
C ALA A 34 5.86 9.55 -15.49
N VAL A 35 5.38 9.46 -14.24
CA VAL A 35 4.07 10.01 -13.94
C VAL A 35 4.03 11.49 -14.30
N GLU A 36 5.10 12.21 -13.99
CA GLU A 36 5.10 13.66 -14.19
C GLU A 36 5.15 14.06 -15.66
N LYS A 37 5.29 13.10 -16.58
CA LYS A 37 5.12 13.42 -18.00
C LYS A 37 3.67 13.75 -18.34
N GLY A 38 2.73 13.38 -17.46
CA GLY A 38 1.36 13.82 -17.60
C GLY A 38 0.45 12.87 -18.33
N GLU A 39 1.00 11.81 -18.91
CA GLU A 39 0.19 10.81 -19.61
C GLU A 39 -0.27 9.72 -18.63
N GLU A 40 -1.39 9.10 -18.98
CA GLU A 40 -1.87 8.00 -18.16
C GLU A 40 -0.86 6.84 -18.16
N LEU A 41 -0.98 6.00 -17.16
CA LEU A 41 -0.09 4.84 -17.02
C LEU A 41 -0.79 3.58 -17.48
N SER A 42 -0.05 2.73 -18.17
CA SER A 42 -0.56 1.41 -18.52
C SER A 42 -0.60 0.52 -17.27
N CYS A 43 -1.24 -0.64 -17.42
CA CYS A 43 -1.31 -1.60 -16.31
C CYS A 43 0.08 -1.96 -15.80
N GLU A 44 1.00 -2.31 -16.71
CA GLU A 44 2.35 -2.66 -16.30
C GLU A 44 3.04 -1.47 -15.61
N GLU A 45 2.81 -0.26 -16.11
CA GLU A 45 3.44 0.91 -15.52
C GLU A 45 2.88 1.21 -14.14
N ARG A 46 1.57 1.01 -13.94
CA ARG A 46 1.01 1.19 -12.60
C ARG A 46 1.63 0.20 -11.63
N ASN A 47 1.85 -1.03 -12.07
CA ASN A 47 2.49 -2.01 -11.21
C ASN A 47 3.92 -1.58 -10.87
N LEU A 48 4.66 -1.03 -11.84
CA LEU A 48 6.03 -0.58 -11.54
C LEU A 48 6.03 0.54 -10.51
N LEU A 49 5.09 1.49 -10.66
CA LEU A 49 4.98 2.59 -9.71
C LEU A 49 4.72 2.06 -8.32
N SER A 50 3.77 1.13 -8.19
CA SER A 50 3.43 0.58 -6.88
C SER A 50 4.58 -0.21 -6.28
N VAL A 51 5.20 -1.09 -7.07
CA VAL A 51 6.29 -1.91 -6.54
C VAL A 51 7.41 -1.01 -6.03
N ALA A 52 7.74 0.04 -6.78
CA ALA A 52 8.85 0.90 -6.40
C ALA A 52 8.60 1.53 -5.04
N TYR A 53 7.46 2.22 -4.90
CA TYR A 53 7.20 2.91 -3.64
C TYR A 53 6.89 1.95 -2.51
N LYS A 54 6.27 0.80 -2.81
N LYS A 54 6.28 0.80 -2.82
CA LYS A 54 6.01 -0.20 -1.78
CA LYS A 54 6.01 -0.21 -1.80
C LYS A 54 7.31 -0.65 -1.11
C LYS A 54 7.29 -0.66 -1.12
N ASN A 55 8.35 -0.84 -1.91
CA ASN A 55 9.62 -1.29 -1.36
C ASN A 55 10.32 -0.17 -0.60
N VAL A 56 10.26 1.06 -1.11
CA VAL A 56 10.88 2.19 -0.39
C VAL A 56 10.21 2.36 0.96
N VAL A 57 8.88 2.51 0.98
CA VAL A 57 8.21 2.73 2.26
CA VAL A 57 8.19 2.73 2.25
C VAL A 57 8.25 1.48 3.13
N GLY A 58 8.35 0.30 2.52
CA GLY A 58 8.42 -0.91 3.31
C GLY A 58 9.66 -0.95 4.16
N GLY A 59 10.80 -0.53 3.57
CA GLY A 59 12.02 -0.43 4.37
C GLY A 59 11.92 0.63 5.45
N GLN A 60 11.27 1.75 5.14
CA GLN A 60 11.11 2.80 6.15
C GLN A 60 10.22 2.33 7.28
N ARG A 61 9.12 1.66 6.94
CA ARG A 61 8.22 1.15 7.97
C ARG A 61 8.93 0.14 8.87
N ALA A 62 9.73 -0.74 8.27
CA ALA A 62 10.44 -1.71 9.09
C ALA A 62 11.40 -1.02 10.05
N ALA A 63 12.12 -0.01 9.54
CA ALA A 63 13.05 0.73 10.42
C ALA A 63 12.29 1.46 11.52
N TRP A 64 11.19 2.11 11.16
CA TRP A 64 10.40 2.83 12.14
C TRP A 64 9.91 1.90 13.25
N ARG A 65 9.51 0.68 12.88
CA ARG A 65 9.02 -0.27 13.88
CA ARG A 65 9.02 -0.25 13.89
C ARG A 65 10.14 -0.67 14.84
N VAL A 66 11.36 -0.88 14.32
CA VAL A 66 12.50 -1.20 15.17
C VAL A 66 12.75 -0.06 16.15
N LEU A 67 12.79 1.16 15.64
CA LEU A 67 13.11 2.31 16.47
C LEU A 67 11.99 2.62 17.46
N SER A 68 10.72 2.51 17.04
CA SER A 68 9.62 2.73 17.96
CA SER A 68 9.62 2.73 17.96
C SER A 68 9.66 1.73 19.12
N SER A 69 10.02 0.49 18.82
CA SER A 69 10.09 -0.54 19.87
CA SER A 69 10.09 -0.52 19.88
C SER A 69 11.17 -0.17 20.89
N ILE A 70 12.34 0.24 20.40
CA ILE A 70 13.41 0.68 21.29
C ILE A 70 12.95 1.87 22.12
N GLU A 71 12.27 2.82 21.48
CA GLU A 71 11.78 3.99 22.18
C GLU A 71 10.79 3.61 23.26
N GLN A 72 9.88 2.67 22.95
CA GLN A 72 8.90 2.24 23.93
C GLN A 72 9.56 1.58 25.13
N LYS A 73 10.54 0.71 24.86
N LYS A 73 10.54 0.71 24.86
CA LYS A 73 11.27 0.08 25.97
CA LYS A 73 11.27 0.08 25.97
C LYS A 73 11.98 1.11 26.83
C LYS A 73 11.98 1.11 26.83
N SER A 74 12.47 2.20 26.22
CA SER A 74 13.16 3.24 26.97
C SER A 74 12.21 3.98 27.91
N ASN A 75 10.90 3.91 27.67
CA ASN A 75 9.92 4.58 28.51
C ASN A 75 9.29 3.65 29.55
N GLU A 76 9.76 2.40 29.65
CA GLU A 76 9.26 1.48 30.65
C GLU A 76 9.91 1.77 32.00
N GLU A 77 9.26 1.30 33.06
CA GLU A 77 9.78 1.48 34.41
C GLU A 77 11.13 0.78 34.57
N GLY A 78 12.05 1.44 35.26
CA GLY A 78 13.37 0.91 35.48
C GLY A 78 14.34 1.12 34.34
N SER A 79 13.88 1.64 33.20
CA SER A 79 14.76 1.85 32.06
C SER A 79 15.67 3.05 32.31
N GLU A 80 16.95 2.87 31.95
CA GLU A 80 17.92 3.94 32.13
C GLU A 80 17.66 5.06 31.13
N GLU A 81 17.77 6.31 31.60
CA GLU A 81 17.62 7.46 30.73
C GLU A 81 18.83 7.60 29.81
N LYS A 82 18.57 7.71 28.51
CA LYS A 82 19.64 7.74 27.51
C LYS A 82 19.67 9.02 26.69
N GLY A 83 18.82 10.00 27.02
CA GLY A 83 18.81 11.24 26.29
C GLY A 83 17.85 11.22 25.13
N PRO A 84 17.93 12.23 24.27
CA PRO A 84 16.93 12.40 23.21
C PRO A 84 17.20 11.64 21.92
N GLU A 85 18.28 10.87 21.86
CA GLU A 85 18.75 10.35 20.57
C GLU A 85 17.78 9.35 19.96
N VAL A 86 17.18 8.47 20.77
CA VAL A 86 16.25 7.48 20.22
C VAL A 86 15.04 8.17 19.61
N ARG A 87 14.45 9.11 20.36
CA ARG A 87 13.31 9.87 19.84
C ARG A 87 13.70 10.64 18.59
N GLU A 88 14.86 11.33 18.64
CA GLU A 88 15.31 12.11 17.48
C GLU A 88 15.41 11.23 16.25
N TYR A 89 16.02 10.06 16.40
CA TYR A 89 16.28 9.25 15.21
C TYR A 89 14.99 8.58 14.72
N ARG A 90 14.11 8.18 15.64
CA ARG A 90 12.79 7.72 15.23
C ARG A 90 12.04 8.80 14.48
N GLU A 91 12.11 10.05 14.97
CA GLU A 91 11.47 11.15 14.28
CA GLU A 91 11.47 11.15 14.28
C GLU A 91 12.08 11.39 12.90
N LYS A 92 13.39 11.20 12.78
CA LYS A 92 14.05 11.37 11.48
C LYS A 92 13.49 10.39 10.46
N VAL A 93 13.44 9.12 10.85
CA VAL A 93 12.93 8.09 9.95
C VAL A 93 11.44 8.33 9.68
N GLU A 94 10.70 8.74 10.72
CA GLU A 94 9.27 9.01 10.57
C GLU A 94 9.00 10.14 9.58
N THR A 95 9.77 11.23 9.67
CA THR A 95 9.59 12.34 8.76
C THR A 95 9.93 11.94 7.33
N GLU A 96 10.94 11.09 7.15
CA GLU A 96 11.28 10.66 5.80
CA GLU A 96 11.29 10.62 5.82
C GLU A 96 10.19 9.75 5.24
N LEU A 97 9.64 8.88 6.08
CA LEU A 97 8.51 8.03 5.67
CA LEU A 97 8.51 8.03 5.67
C LEU A 97 7.32 8.88 5.27
N GLN A 98 6.98 9.86 6.11
CA GLN A 98 5.85 10.75 5.80
C GLN A 98 6.10 11.48 4.49
N GLY A 99 7.34 11.85 4.22
CA GLY A 99 7.64 12.53 2.97
C GLY A 99 7.40 11.66 1.76
N VAL A 100 7.75 10.38 1.85
CA VAL A 100 7.50 9.48 0.73
C VAL A 100 6.00 9.30 0.55
N CYS A 101 5.27 9.06 1.63
CA CYS A 101 3.82 8.93 1.52
C CYS A 101 3.21 10.18 0.90
N ASP A 102 3.66 11.37 1.34
CA ASP A 102 3.14 12.60 0.75
C ASP A 102 3.46 12.70 -0.74
N THR A 103 4.65 12.23 -1.14
CA THR A 103 5.00 12.23 -2.55
C THR A 103 4.04 11.36 -3.35
N VAL A 104 3.79 10.14 -2.85
CA VAL A 104 2.89 9.24 -3.56
C VAL A 104 1.50 9.82 -3.64
N LEU A 105 0.97 10.30 -2.51
CA LEU A 105 -0.35 10.90 -2.51
C LEU A 105 -0.41 12.09 -3.44
N GLY A 106 0.69 12.84 -3.53
CA GLY A 106 0.73 13.97 -4.45
C GLY A 106 0.61 13.55 -5.90
N LEU A 107 1.29 12.45 -6.27
CA LEU A 107 1.16 11.93 -7.63
C LEU A 107 -0.25 11.45 -7.91
N LEU A 108 -0.86 10.77 -6.94
CA LEU A 108 -2.23 10.30 -7.14
C LEU A 108 -3.17 11.47 -7.33
N ASP A 109 -2.92 12.58 -6.64
CA ASP A 109 -3.78 13.76 -6.75
C ASP A 109 -3.43 14.66 -7.92
N SER A 110 -2.29 14.43 -8.62
CA SER A 110 -1.81 15.31 -9.68
C SER A 110 -1.14 14.50 -10.81
N HIS A 111 -1.93 13.82 -11.64
CA HIS A 111 -3.40 13.86 -11.65
C HIS A 111 -3.91 12.47 -11.98
N LEU A 112 -3.28 11.45 -11.38
CA LEU A 112 -3.56 10.07 -11.77
C LEU A 112 -5.01 9.69 -11.53
N ILE A 113 -5.54 9.99 -10.33
CA ILE A 113 -6.91 9.58 -10.05
C ILE A 113 -7.90 10.34 -10.93
N LYS A 114 -7.69 11.65 -11.09
CA LYS A 114 -8.62 12.45 -11.87
C LYS A 114 -8.79 11.92 -13.29
N GLU A 115 -7.71 11.45 -13.91
N GLU A 115 -7.72 11.46 -13.92
CA GLU A 115 -7.76 11.01 -15.30
CA GLU A 115 -7.77 11.01 -15.30
C GLU A 115 -8.03 9.52 -15.45
C GLU A 115 -8.17 9.54 -15.45
N ALA A 116 -8.26 8.80 -14.34
CA ALA A 116 -8.49 7.37 -14.39
C ALA A 116 -9.99 7.10 -14.55
N GLY A 117 -10.38 6.69 -15.75
CA GLY A 117 -11.79 6.44 -16.02
C GLY A 117 -12.16 4.98 -15.99
N ASP A 118 -11.23 4.12 -16.38
CA ASP A 118 -11.51 2.68 -16.36
C ASP A 118 -11.49 2.17 -14.94
N ALA A 119 -12.34 1.17 -14.67
CA ALA A 119 -12.43 0.62 -13.33
C ALA A 119 -11.08 0.15 -12.84
N GLU A 120 -10.33 -0.55 -13.68
CA GLU A 120 -9.08 -1.15 -13.24
C GLU A 120 -8.09 -0.08 -12.79
N SER A 121 -7.95 1.01 -13.55
CA SER A 121 -7.01 2.04 -13.14
C SER A 121 -7.52 2.81 -11.94
N ARG A 122 -8.81 3.19 -11.94
CA ARG A 122 -9.35 3.97 -10.83
C ARG A 122 -9.27 3.21 -9.52
N VAL A 123 -9.64 1.92 -9.52
CA VAL A 123 -9.53 1.11 -8.30
C VAL A 123 -8.08 0.98 -7.87
N PHE A 124 -7.18 0.74 -8.82
CA PHE A 124 -5.76 0.64 -8.46
C PHE A 124 -5.27 1.89 -7.74
N TYR A 125 -5.59 3.06 -8.28
CA TYR A 125 -5.09 4.29 -7.67
C TYR A 125 -5.78 4.61 -6.36
N LEU A 126 -7.10 4.34 -6.25
CA LEU A 126 -7.77 4.60 -4.98
C LEU A 126 -7.28 3.64 -3.89
N LYS A 127 -7.01 2.39 -4.26
CA LYS A 127 -6.37 1.48 -3.31
C LYS A 127 -5.03 2.02 -2.85
N MET A 128 -4.22 2.52 -3.79
CA MET A 128 -2.93 3.11 -3.41
CA MET A 128 -2.93 3.10 -3.41
C MET A 128 -3.12 4.28 -2.46
N LYS A 129 -4.11 5.13 -2.73
CA LYS A 129 -4.38 6.25 -1.84
C LYS A 129 -4.71 5.76 -0.43
N GLY A 130 -5.57 4.76 -0.33
CA GLY A 130 -5.84 4.17 0.97
C GLY A 130 -4.59 3.63 1.64
N ASP A 131 -3.75 2.93 0.86
CA ASP A 131 -2.54 2.33 1.40
C ASP A 131 -1.62 3.40 2.00
N TYR A 132 -1.38 4.47 1.25
CA TYR A 132 -0.39 5.42 1.77
C TYR A 132 -0.97 6.29 2.89
N TYR A 133 -2.29 6.53 2.92
CA TYR A 133 -2.85 7.10 4.15
C TYR A 133 -2.76 6.11 5.31
N ARG A 134 -2.88 4.80 5.02
CA ARG A 134 -2.75 3.81 6.07
C ARG A 134 -1.34 3.83 6.64
N TYR A 135 -0.32 3.99 5.79
CA TYR A 135 1.04 4.07 6.30
C TYR A 135 1.25 5.34 7.12
N LEU A 136 0.66 6.45 6.67
CA LEU A 136 0.68 7.66 7.50
C LEU A 136 -0.02 7.41 8.84
N ALA A 137 -1.12 6.65 8.82
CA ALA A 137 -1.84 6.41 10.06
C ALA A 137 -1.04 5.56 11.05
N GLU A 138 -0.17 4.69 10.54
CA GLU A 138 0.62 3.80 11.40
C GLU A 138 1.50 4.60 12.33
N VAL A 139 1.89 5.82 11.93
CA VAL A 139 2.81 6.64 12.71
C VAL A 139 2.16 7.88 13.28
N ALA A 140 0.88 8.10 13.01
CA ALA A 140 0.23 9.33 13.43
C ALA A 140 -0.14 9.27 14.90
N THR A 141 0.02 10.42 15.58
CA THR A 141 -0.33 10.54 16.99
C THR A 141 -1.03 11.85 17.33
N GLY A 142 -1.01 12.85 16.47
CA GLY A 142 -1.54 14.16 16.78
C GLY A 142 -3.02 14.30 16.49
N ASP A 143 -3.46 15.56 16.40
CA ASP A 143 -4.88 15.86 16.20
C ASP A 143 -5.34 15.58 14.78
N ASP A 144 -4.43 15.25 13.86
CA ASP A 144 -4.80 14.86 12.51
C ASP A 144 -4.94 13.35 12.34
N LYS A 145 -4.69 12.57 13.40
CA LYS A 145 -4.73 11.12 13.28
C LYS A 145 -6.11 10.63 12.83
N LYS A 146 -7.17 11.16 13.44
CA LYS A 146 -8.50 10.73 13.01
C LYS A 146 -8.77 11.10 11.56
N ARG A 147 -8.27 12.26 11.12
CA ARG A 147 -8.52 12.66 9.74
C ARG A 147 -7.72 11.80 8.77
N ILE A 148 -6.50 11.42 9.15
CA ILE A 148 -5.70 10.52 8.31
C ILE A 148 -6.39 9.17 8.18
N ILE A 149 -6.88 8.65 9.31
CA ILE A 149 -7.59 7.37 9.27
C ILE A 149 -8.83 7.46 8.39
N ASP A 150 -9.57 8.56 8.49
CA ASP A 150 -10.78 8.66 7.67
C ASP A 150 -10.43 8.82 6.20
N SER A 151 -9.31 9.47 5.89
CA SER A 151 -8.87 9.59 4.51
C SER A 151 -8.55 8.21 3.92
N ALA A 152 -7.88 7.35 4.71
CA ALA A 152 -7.64 5.98 4.24
C ALA A 152 -8.96 5.24 4.05
N ARG A 153 -9.83 5.31 5.05
CA ARG A 153 -11.14 4.66 4.96
CA ARG A 153 -11.13 4.63 4.95
C ARG A 153 -11.91 5.11 3.73
N SER A 154 -11.94 6.42 3.50
CA SER A 154 -12.72 6.97 2.39
CA SER A 154 -12.72 6.97 2.39
C SER A 154 -12.18 6.49 1.04
N ALA A 155 -10.87 6.45 0.89
CA ALA A 155 -10.28 6.01 -0.38
C ALA A 155 -10.55 4.52 -0.61
N TYR A 156 -10.34 3.71 0.43
CA TYR A 156 -10.61 2.28 0.31
C TYR A 156 -12.07 2.03 -0.02
N GLN A 157 -12.97 2.77 0.64
CA GLN A 157 -14.41 2.57 0.42
C GLN A 157 -14.80 2.90 -1.00
N GLU A 158 -14.31 4.01 -1.54
CA GLU A 158 -14.60 4.32 -2.94
CA GLU A 158 -14.60 4.33 -2.94
C GLU A 158 -14.07 3.23 -3.87
N ALA A 159 -12.86 2.74 -3.60
CA ALA A 159 -12.31 1.67 -4.41
C ALA A 159 -13.15 0.41 -4.30
N MET A 160 -13.62 0.09 -3.08
CA MET A 160 -14.44 -1.11 -2.91
C MET A 160 -15.73 -1.00 -3.70
N ASP A 161 -16.37 0.17 -3.64
CA ASP A 161 -17.66 0.33 -4.33
C ASP A 161 -17.50 0.14 -5.82
N ILE A 162 -16.47 0.73 -6.43
CA ILE A 162 -16.23 0.55 -7.86
C ILE A 162 -15.90 -0.90 -8.15
N SER A 163 -15.02 -1.50 -7.33
CA SER A 163 -14.55 -2.85 -7.62
CA SER A 163 -14.56 -2.86 -7.60
C SER A 163 -15.70 -3.86 -7.55
N LYS A 164 -16.61 -3.69 -6.60
CA LYS A 164 -17.72 -4.62 -6.51
C LYS A 164 -18.66 -4.48 -7.70
N LYS A 165 -18.80 -3.26 -8.25
CA LYS A 165 -19.69 -3.07 -9.39
C LYS A 165 -19.08 -3.50 -10.71
N GLU A 166 -17.76 -3.36 -10.86
CA GLU A 166 -17.14 -3.41 -12.17
C GLU A 166 -16.11 -4.51 -12.38
N MET A 167 -15.73 -5.25 -11.34
CA MET A 167 -14.69 -6.25 -11.46
CA MET A 167 -14.65 -6.23 -11.33
C MET A 167 -15.16 -7.58 -10.88
N PRO A 168 -14.66 -8.69 -11.43
CA PRO A 168 -15.03 -10.01 -10.89
C PRO A 168 -14.41 -10.21 -9.52
N PRO A 169 -15.00 -11.06 -8.69
CA PRO A 169 -14.49 -11.25 -7.32
C PRO A 169 -13.10 -11.85 -7.28
N THR A 170 -12.61 -12.43 -8.39
CA THR A 170 -11.27 -12.99 -8.43
C THR A 170 -10.22 -12.02 -8.94
N ASN A 171 -10.62 -10.83 -9.37
CA ASN A 171 -9.65 -9.89 -9.91
C ASN A 171 -8.56 -9.61 -8.87
N PRO A 172 -7.28 -9.78 -9.22
CA PRO A 172 -6.21 -9.64 -8.21
C PRO A 172 -6.16 -8.27 -7.55
N ILE A 173 -6.53 -7.21 -8.25
CA ILE A 173 -6.53 -5.89 -7.63
C ILE A 173 -7.71 -5.76 -6.68
N ARG A 174 -8.89 -6.26 -7.08
CA ARG A 174 -10.00 -6.32 -6.15
C ARG A 174 -9.63 -7.10 -4.90
N LEU A 175 -8.98 -8.24 -5.08
CA LEU A 175 -8.59 -9.08 -3.94
C LEU A 175 -7.56 -8.36 -3.06
N GLY A 176 -6.53 -7.77 -3.69
CA GLY A 176 -5.54 -7.04 -2.90
C GLY A 176 -6.12 -5.84 -2.20
N LEU A 177 -7.08 -5.17 -2.82
CA LEU A 177 -7.77 -4.06 -2.17
C LEU A 177 -8.52 -4.54 -0.92
N ALA A 178 -9.30 -5.62 -1.07
CA ALA A 178 -10.03 -6.16 0.07
C ALA A 178 -9.08 -6.63 1.16
N LEU A 179 -8.01 -7.32 0.78
CA LEU A 179 -6.98 -7.71 1.74
C LEU A 179 -6.48 -6.51 2.54
N ASN A 180 -6.10 -5.43 1.84
CA ASN A 180 -5.52 -4.27 2.52
C ASN A 180 -6.56 -3.52 3.34
N PHE A 181 -7.80 -3.41 2.84
CA PHE A 181 -8.85 -2.77 3.63
C PHE A 181 -9.12 -3.57 4.89
N SER A 182 -9.04 -4.91 4.81
CA SER A 182 -9.21 -5.73 5.99
CA SER A 182 -9.21 -5.74 5.99
C SER A 182 -8.08 -5.50 7.00
N VAL A 183 -6.85 -5.34 6.51
CA VAL A 183 -5.74 -5.01 7.41
C VAL A 183 -5.95 -3.63 8.03
N PHE A 184 -6.42 -2.68 7.24
CA PHE A 184 -6.78 -1.37 7.79
C PHE A 184 -7.76 -1.51 8.95
N HIS A 185 -8.82 -2.31 8.78
CA HIS A 185 -9.78 -2.50 9.86
C HIS A 185 -9.13 -3.10 11.10
N TYR A 186 -8.24 -4.08 10.92
CA TYR A 186 -7.68 -4.80 12.05
C TYR A 186 -6.62 -3.97 12.78
N GLU A 187 -5.72 -3.35 12.02
N GLU A 187 -5.73 -3.34 12.03
CA GLU A 187 -4.53 -2.73 12.58
CA GLU A 187 -4.53 -2.74 12.60
C GLU A 187 -4.69 -1.24 12.87
C GLU A 187 -4.63 -1.23 12.79
N ILE A 188 -5.55 -0.56 12.12
CA ILE A 188 -5.68 0.89 12.19
C ILE A 188 -6.98 1.31 12.85
N ALA A 189 -8.12 0.75 12.42
CA ALA A 189 -9.43 1.21 12.84
C ALA A 189 -9.99 0.48 14.06
N ASN A 190 -9.19 -0.38 14.71
CA ASN A 190 -9.64 -1.08 15.91
C ASN A 190 -10.95 -1.82 15.68
N SER A 191 -11.06 -2.44 14.50
CA SER A 191 -12.28 -3.15 14.08
C SER A 191 -11.95 -4.57 13.62
N PRO A 192 -11.45 -5.42 14.53
CA PRO A 192 -11.09 -6.79 14.12
C PRO A 192 -12.25 -7.58 13.55
N GLU A 193 -13.45 -7.42 14.09
CA GLU A 193 -14.58 -8.19 13.55
C GLU A 193 -14.86 -7.79 12.11
N GLU A 194 -14.80 -6.49 11.80
CA GLU A 194 -14.98 -6.05 10.42
C GLU A 194 -13.87 -6.61 9.54
N ALA A 195 -12.64 -6.60 10.04
CA ALA A 195 -11.51 -7.16 9.29
C ALA A 195 -11.73 -8.62 8.95
N ILE A 196 -12.15 -9.40 9.94
CA ILE A 196 -12.35 -10.84 9.74
C ILE A 196 -13.52 -11.08 8.79
N SER A 197 -14.63 -10.34 8.97
CA SER A 197 -15.77 -10.49 8.09
CA SER A 197 -15.77 -10.50 8.09
C SER A 197 -15.40 -10.19 6.64
N LEU A 198 -14.68 -9.10 6.43
CA LEU A 198 -14.30 -8.75 5.06
C LEU A 198 -13.39 -9.81 4.45
N ALA A 199 -12.40 -10.30 5.20
CA ALA A 199 -11.51 -11.30 4.65
C ALA A 199 -12.26 -12.58 4.30
N LYS A 200 -13.19 -13.00 5.17
CA LYS A 200 -13.97 -14.21 4.94
CA LYS A 200 -13.94 -14.23 4.92
C LYS A 200 -14.83 -14.09 3.70
N THR A 201 -15.64 -13.02 3.64
CA THR A 201 -16.53 -12.84 2.49
CA THR A 201 -16.54 -12.85 2.49
C THR A 201 -15.75 -12.71 1.20
N THR A 202 -14.63 -11.97 1.23
CA THR A 202 -13.81 -11.83 0.04
C THR A 202 -13.28 -13.17 -0.42
N PHE A 203 -12.77 -13.97 0.52
CA PHE A 203 -12.23 -15.29 0.18
C PHE A 203 -13.31 -16.17 -0.44
N ASP A 204 -14.49 -16.21 0.20
CA ASP A 204 -15.55 -17.11 -0.24
C ASP A 204 -16.11 -16.70 -1.60
N GLU A 205 -16.24 -15.40 -1.86
CA GLU A 205 -16.74 -14.99 -3.17
C GLU A 205 -15.71 -15.25 -4.25
N ALA A 206 -14.42 -15.16 -3.93
CA ALA A 206 -13.42 -15.51 -4.93
C ALA A 206 -13.43 -17.01 -5.21
N MET A 207 -13.54 -17.83 -4.15
CA MET A 207 -13.57 -19.27 -4.36
CA MET A 207 -13.60 -19.29 -4.32
C MET A 207 -14.65 -19.67 -5.35
N ALA A 208 -15.83 -19.07 -5.22
CA ALA A 208 -16.98 -19.39 -6.05
C ALA A 208 -16.80 -18.97 -7.50
N ASP A 209 -15.81 -18.12 -7.80
CA ASP A 209 -15.56 -17.61 -9.14
C ASP A 209 -14.33 -18.24 -9.79
N LEU A 210 -13.57 -19.06 -9.07
CA LEU A 210 -12.34 -19.63 -9.64
C LEU A 210 -12.62 -20.48 -10.86
N HIS A 211 -13.80 -21.09 -10.93
CA HIS A 211 -14.08 -22.00 -12.04
C HIS A 211 -14.08 -21.30 -13.39
N THR A 212 -14.21 -19.97 -13.40
CA THR A 212 -14.26 -19.23 -14.65
C THR A 212 -12.89 -18.93 -15.23
N LEU A 213 -11.82 -19.21 -14.47
CA LEU A 213 -10.49 -18.70 -14.77
C LEU A 213 -9.62 -19.71 -15.52
N SER A 214 -8.76 -19.17 -16.39
CA SER A 214 -7.66 -19.94 -16.94
C SER A 214 -6.67 -20.34 -15.85
N GLU A 215 -5.75 -21.24 -16.22
CA GLU A 215 -4.73 -21.69 -15.28
C GLU A 215 -3.90 -20.52 -14.74
N ASP A 216 -3.51 -19.59 -15.60
CA ASP A 216 -2.65 -18.49 -15.15
C ASP A 216 -3.42 -17.50 -14.29
N SER A 217 -4.65 -17.15 -14.67
CA SER A 217 -5.49 -16.30 -13.84
C SER A 217 -5.77 -16.97 -12.49
N TYR A 218 -6.05 -18.27 -12.53
CA TYR A 218 -6.24 -19.03 -11.31
CA TYR A 218 -6.24 -19.03 -11.30
C TYR A 218 -5.06 -18.86 -10.36
N LYS A 219 -3.84 -18.95 -10.90
CA LYS A 219 -2.66 -18.81 -10.06
CA LYS A 219 -2.65 -18.80 -10.07
C LYS A 219 -2.55 -17.40 -9.47
N ASP A 220 -2.86 -16.37 -10.27
CA ASP A 220 -2.78 -15.00 -9.77
C ASP A 220 -3.79 -14.78 -8.63
N SER A 221 -5.01 -15.26 -8.79
CA SER A 221 -6.05 -15.04 -7.79
C SER A 221 -5.79 -15.84 -6.53
N THR A 222 -5.41 -17.13 -6.66
CA THR A 222 -5.20 -17.93 -5.46
C THR A 222 -4.01 -17.42 -4.65
N LEU A 223 -3.05 -16.76 -5.29
CA LEU A 223 -1.93 -16.19 -4.54
C LEU A 223 -2.43 -15.17 -3.52
N ILE A 224 -3.34 -14.29 -3.92
CA ILE A 224 -3.87 -13.29 -2.99
CA ILE A 224 -3.85 -13.31 -2.97
C ILE A 224 -4.88 -13.92 -2.03
N MET A 225 -5.64 -14.91 -2.49
CA MET A 225 -6.57 -15.59 -1.60
C MET A 225 -5.81 -16.22 -0.43
N GLN A 226 -4.61 -16.75 -0.70
CA GLN A 226 -3.81 -17.35 0.36
C GLN A 226 -3.39 -16.32 1.40
N LEU A 227 -3.14 -15.08 1.00
CA LEU A 227 -2.84 -14.04 1.99
C LEU A 227 -4.07 -13.74 2.85
N LEU A 228 -5.28 -13.76 2.26
CA LEU A 228 -6.47 -13.59 3.09
C LEU A 228 -6.59 -14.71 4.11
N ARG A 229 -6.38 -15.95 3.66
CA ARG A 229 -6.42 -17.09 4.56
C ARG A 229 -5.35 -16.97 5.64
N ASP A 230 -4.14 -16.56 5.27
CA ASP A 230 -3.07 -16.40 6.25
C ASP A 230 -3.47 -15.39 7.32
N ASN A 231 -4.08 -14.27 6.93
CA ASN A 231 -4.52 -13.31 7.92
C ASN A 231 -5.60 -13.90 8.81
N LEU A 232 -6.57 -14.60 8.22
CA LEU A 232 -7.63 -15.22 9.03
C LEU A 232 -7.03 -16.21 10.03
N THR A 233 -5.98 -16.92 9.63
CA THR A 233 -5.31 -17.83 10.56
C THR A 233 -4.65 -17.08 11.70
N LEU A 234 -4.06 -15.90 11.41
CA LEU A 234 -3.49 -15.07 12.46
C LEU A 234 -4.57 -14.56 13.42
N TRP A 235 -5.75 -14.24 12.88
CA TRP A 235 -6.75 -13.46 13.60
C TRP A 235 -7.81 -14.31 14.29
N THR A 236 -7.91 -15.59 13.96
CA THR A 236 -8.94 -16.43 14.54
C THR A 236 -8.34 -17.69 15.18
N LYS B 2 6.18 -7.20 10.48
CA LYS B 2 4.88 -6.68 10.09
C LYS B 2 3.77 -7.52 10.72
N ASN B 3 2.70 -6.84 11.16
CA ASN B 3 1.67 -7.50 11.95
C ASN B 3 0.71 -8.35 11.12
N ALA B 4 0.60 -8.11 9.81
CA ALA B 4 -0.35 -8.85 8.97
C ALA B 4 0.14 -8.83 7.54
N ASN B 5 -0.44 -9.70 6.72
CA ASN B 5 -0.11 -9.76 5.31
C ASN B 5 -0.89 -8.72 4.52
N SER B 7 -1.07 -6.60 0.41
N SER B 7 -1.10 -6.61 0.42
CA SER B 7 -0.98 -6.92 -1.01
CA SER B 7 -0.97 -6.95 -1.00
C SER B 7 0.43 -6.68 -1.55
C SER B 7 0.45 -6.72 -1.52
N PRO B 8 0.90 -7.57 -2.45
CA PRO B 8 2.23 -7.39 -3.04
C PRO B 8 2.30 -6.24 -4.03
N VAL B 9 1.17 -5.70 -4.46
CA VAL B 9 1.15 -4.53 -5.32
C VAL B 9 0.03 -3.60 -4.87
#